data_2O5N
#
_entry.id   2O5N
#
_cell.length_a   61.969
_cell.length_b   78.178
_cell.length_c   62.726
_cell.angle_alpha   90.00
_cell.angle_beta   90.43
_cell.angle_gamma   90.00
#
_symmetry.space_group_name_H-M   'P 1 21 1'
#
loop_
_entity.id
_entity.type
_entity.pdbx_description
1 polymer MuHV1gpm153
2 branched beta-D-mannopyranose-(1-4)-2-acetamido-2-deoxy-beta-D-glucopyranose-(1-4)-2-acetamido-2-deoxy-beta-D-glucopyranose
3 branched 2-acetamido-2-deoxy-beta-D-glucopyranose-(1-4)-2-acetamido-2-deoxy-beta-D-glucopyranose
4 non-polymer 2-acetamido-2-deoxy-beta-D-glucopyranose
5 water water
#
_entity_poly.entity_id   1
_entity_poly.type   'polypeptide(L)'
_entity_poly.pdbx_seq_one_letter_code
;EVVRPEVNRTGTVDICQGP(MSE)ELIFSVSRTSSGATGERISLKNTLSIVS(MSE)ENGGKPGTYEWSFPANESWPEIQ
FLLQNREFVSKYYADVVQTPGELVVEYRCPVPQFNCTITHRWKGETI(MSE)SFDGAIQTIRSVTSEYTTKNEDTLVKYI
RGLNVTLLTDNAKSIEHRWTEICKKLKDADRPDDNQYTLEDDILEDDIE(MSE)DIVQCQ(MSE)TTQVPLKYH(MSE)T
VWSAGRDSRAIALSADYYTDIEVASYLPVNRSQILNTTCEITSSSGWTVRLRFSEE(MSE)VAASKARQAQKRPLLPVEP
HGFMSDEHGPAFVQRTINDSRLTLVPR
;
_entity_poly.pdbx_strand_id   A,B
#
# COMPACT_ATOMS: atom_id res chain seq x y z
N VAL A 2 -27.30 14.26 -16.41
CA VAL A 2 -27.23 15.23 -15.27
C VAL A 2 -28.34 15.00 -14.26
N VAL A 3 -27.96 15.02 -12.98
CA VAL A 3 -28.83 14.61 -11.87
C VAL A 3 -28.63 15.59 -10.72
N ARG A 4 -29.70 15.81 -9.94
CA ARG A 4 -29.68 16.76 -8.83
C ARG A 4 -29.30 16.09 -7.51
N PRO A 5 -28.28 16.64 -6.82
CA PRO A 5 -27.77 16.08 -5.57
C PRO A 5 -28.76 16.17 -4.40
N GLU A 6 -28.69 15.16 -3.53
CA GLU A 6 -29.38 15.17 -2.25
C GLU A 6 -28.30 15.33 -1.19
N VAL A 7 -28.27 16.49 -0.54
CA VAL A 7 -27.14 16.83 0.32
C VAL A 7 -27.40 16.54 1.81
N ASN A 8 -26.80 15.46 2.29
CA ASN A 8 -26.81 15.16 3.72
C ASN A 8 -25.64 15.86 4.39
N ARG A 9 -25.96 16.85 5.22
CA ARG A 9 -24.95 17.65 5.86
C ARG A 9 -24.63 17.19 7.28
N THR A 10 -25.29 16.14 7.77
CA THR A 10 -25.00 15.63 9.12
C THR A 10 -23.58 15.05 9.15
N GLY A 11 -22.79 15.49 10.12
CA GLY A 11 -21.38 15.10 10.20
C GLY A 11 -20.50 16.06 9.43
N THR A 12 -20.92 17.33 9.37
CA THR A 12 -20.16 18.41 8.76
C THR A 12 -19.01 18.86 9.66
N VAL A 13 -17.83 19.03 9.08
CA VAL A 13 -16.67 19.52 9.83
C VAL A 13 -16.12 20.84 9.27
N ASP A 14 -15.41 21.57 10.13
CA ASP A 14 -14.71 22.78 9.74
C ASP A 14 -13.33 22.41 9.18
N ILE A 15 -13.19 22.50 7.84
CA ILE A 15 -11.91 22.17 7.17
C ILE A 15 -10.73 23.04 7.62
N CYS A 16 -11.02 24.27 8.07
CA CYS A 16 -9.96 25.16 8.57
C CYS A 16 -9.78 25.08 10.10
N GLN A 17 -10.44 24.11 10.74
CA GLN A 17 -10.29 23.90 12.18
C GLN A 17 -9.03 23.14 12.50
N GLY A 18 -8.68 23.08 13.78
CA GLY A 18 -7.46 22.39 14.23
C GLY A 18 -6.18 23.02 13.72
N PRO A 19 -5.02 22.45 14.09
CA PRO A 19 -3.70 22.90 13.60
C PRO A 19 -3.55 22.86 12.07
N GLU A 21 -1.64 22.33 8.55
CA GLU A 21 -0.57 21.53 7.98
C GLU A 21 -0.52 21.73 6.48
N LEU A 22 0.65 22.06 5.95
CA LEU A 22 0.86 22.18 4.51
C LEU A 22 1.63 20.95 4.00
N ILE A 23 1.15 20.38 2.90
CA ILE A 23 1.79 19.20 2.33
C ILE A 23 2.42 19.53 0.97
N PHE A 24 3.74 19.40 0.91
CA PHE A 24 4.54 19.63 -0.29
C PHE A 24 4.90 18.28 -0.89
N SER A 25 4.43 18.04 -2.12
CA SER A 25 4.69 16.79 -2.86
C SER A 25 5.44 17.10 -4.17
N VAL A 26 6.53 16.36 -4.40
CA VAL A 26 7.43 16.57 -5.52
C VAL A 26 7.72 15.21 -6.12
N SER A 27 7.34 15.01 -7.38
CA SER A 27 7.48 13.70 -8.00
C SER A 27 8.15 13.76 -9.36
N ARG A 28 8.68 12.60 -9.76
CA ARG A 28 9.39 12.43 -11.01
C ARG A 28 9.19 10.98 -11.43
N THR A 29 8.99 10.78 -12.75
CA THR A 29 8.87 9.47 -13.37
C THR A 29 10.08 9.23 -14.30
N SER A 30 10.17 8.04 -14.88
CA SER A 30 11.28 7.71 -15.80
C SER A 30 11.33 8.58 -17.06
N SER A 31 10.16 8.82 -17.65
CA SER A 31 9.99 9.76 -18.78
C SER A 31 10.67 11.11 -18.56
N GLY A 32 10.50 11.67 -17.36
CA GLY A 32 11.01 13.01 -17.07
C GLY A 32 9.84 13.93 -16.77
N ALA A 33 8.68 13.32 -16.58
CA ALA A 33 7.50 14.01 -16.06
C ALA A 33 7.76 14.43 -14.62
N THR A 34 7.41 15.68 -14.30
CA THR A 34 7.58 16.21 -12.94
C THR A 34 6.30 16.83 -12.41
N GLY A 35 6.13 16.78 -11.08
CA GLY A 35 5.04 17.45 -10.41
C GLY A 35 5.47 18.07 -9.10
N GLU A 36 4.91 19.23 -8.79
CA GLU A 36 5.09 19.91 -7.51
C GLU A 36 3.74 20.44 -7.07
N ARG A 37 3.34 20.06 -5.85
CA ARG A 37 2.02 20.37 -5.33
C ARG A 37 2.07 20.85 -3.90
N ILE A 38 1.15 21.74 -3.57
CA ILE A 38 0.90 22.11 -2.19
C ILE A 38 -0.54 21.81 -1.84
N SER A 39 -0.74 21.06 -0.76
CA SER A 39 -2.07 20.78 -0.26
C SER A 39 -2.13 21.16 1.21
N LEU A 40 -3.34 21.20 1.75
CA LEU A 40 -3.53 21.29 3.18
C LEU A 40 -3.85 19.89 3.68
N LYS A 41 -4.02 19.73 4.98
CA LYS A 41 -4.26 18.40 5.58
C LYS A 41 -5.41 17.62 4.94
N ASN A 42 -6.56 18.27 4.77
CA ASN A 42 -7.77 17.59 4.30
C ASN A 42 -8.12 17.89 2.83
N THR A 43 -7.12 18.23 2.04
CA THR A 43 -7.35 18.66 0.67
C THR A 43 -6.43 17.93 -0.32
N LEU A 44 -6.86 17.87 -1.56
CA LEU A 44 -5.92 17.57 -2.64
C LEU A 44 -5.21 18.88 -3.01
N SER A 45 -4.54 18.88 -4.16
CA SER A 45 -3.66 19.97 -4.57
C SER A 45 -4.37 21.30 -4.83
N ILE A 46 -3.92 22.34 -4.14
CA ILE A 46 -4.44 23.71 -4.33
C ILE A 46 -3.55 24.48 -5.34
N VAL A 47 -2.23 24.44 -5.12
CA VAL A 47 -1.26 24.97 -6.07
C VAL A 47 -0.41 23.83 -6.64
N SER A 48 -0.25 23.80 -7.96
CA SER A 48 0.59 22.78 -8.61
C SER A 48 1.41 23.29 -9.79
N GLU A 50 2.95 21.30 -13.24
CA GLU A 50 2.96 20.06 -14.03
C GLU A 50 4.03 20.16 -15.14
N ASN A 51 4.87 19.13 -15.22
CA ASN A 51 6.01 19.06 -16.15
C ASN A 51 6.74 20.39 -16.44
N GLY A 52 7.01 21.14 -15.37
CA GLY A 52 7.82 22.35 -15.47
C GLY A 52 7.09 23.61 -15.90
N GLY A 53 5.76 23.54 -15.93
CA GLY A 53 4.94 24.70 -16.30
C GLY A 53 4.79 25.73 -15.20
N LYS A 54 3.96 26.74 -15.45
CA LYS A 54 3.73 27.81 -14.47
C LYS A 54 2.84 27.31 -13.32
N PRO A 55 3.00 27.93 -12.12
CA PRO A 55 2.16 27.55 -10.98
C PRO A 55 0.69 27.78 -11.29
N GLY A 56 -0.11 26.73 -11.16
CA GLY A 56 -1.53 26.79 -11.48
C GLY A 56 -2.38 26.62 -10.25
N THR A 57 -3.54 27.25 -10.24
CA THR A 57 -4.47 27.13 -9.13
C THR A 57 -5.94 27.22 -9.58
N TYR A 58 -6.83 27.64 -8.68
CA TYR A 58 -8.26 27.69 -8.98
C TYR A 58 -8.79 29.11 -8.97
N GLU A 59 -9.96 29.28 -9.58
CA GLU A 59 -10.58 30.59 -9.76
C GLU A 59 -11.10 31.23 -8.46
N TRP A 60 -11.23 30.42 -7.39
CA TRP A 60 -11.71 30.92 -6.10
C TRP A 60 -10.59 31.37 -5.17
N SER A 61 -9.33 31.28 -5.64
CA SER A 61 -8.16 31.58 -4.82
C SER A 61 -7.25 32.64 -5.45
N PHE A 62 -6.26 33.11 -4.69
CA PHE A 62 -5.25 34.04 -5.17
C PHE A 62 -4.56 33.48 -6.41
N PRO A 63 -4.14 34.35 -7.35
CA PRO A 63 -3.30 33.84 -8.45
C PRO A 63 -2.00 33.31 -7.89
N ALA A 64 -1.57 32.15 -8.39
CA ALA A 64 -0.34 31.52 -7.93
C ALA A 64 0.90 32.26 -8.42
N ASN A 65 1.76 32.64 -7.49
CA ASN A 65 2.90 33.50 -7.80
C ASN A 65 4.23 32.78 -7.58
N GLU A 66 5.04 32.72 -8.64
CA GLU A 66 6.33 32.02 -8.61
C GLU A 66 7.30 32.58 -7.56
N SER A 67 7.07 33.83 -7.14
CA SER A 67 7.90 34.47 -6.12
C SER A 67 7.51 34.12 -4.67
N TRP A 68 6.34 33.51 -4.48
CA TRP A 68 5.95 32.95 -3.17
C TRP A 68 7.04 32.01 -2.65
N PRO A 69 7.44 32.19 -1.37
CA PRO A 69 8.46 31.33 -0.73
C PRO A 69 8.14 29.83 -0.66
N GLU A 70 6.87 29.43 -0.76
CA GLU A 70 6.51 28.00 -0.78
C GLU A 70 6.74 27.38 -2.16
N ILE A 71 6.51 28.17 -3.20
CA ILE A 71 6.77 27.72 -4.57
C ILE A 71 8.27 27.71 -4.87
N GLN A 72 8.99 28.71 -4.38
CA GLN A 72 10.46 28.69 -4.44
C GLN A 72 11.02 27.45 -3.75
N PHE A 73 10.36 27.00 -2.69
CA PHE A 73 10.67 25.73 -2.02
C PHE A 73 10.48 24.53 -2.96
N LEU A 74 9.33 24.48 -3.64
CA LEU A 74 9.04 23.42 -4.62
C LEU A 74 10.05 23.36 -5.75
N LEU A 75 10.41 24.53 -6.27
CA LEU A 75 11.33 24.64 -7.40
C LEU A 75 12.72 24.15 -7.04
N GLN A 76 13.17 24.50 -5.83
CA GLN A 76 14.43 23.97 -5.29
C GLN A 76 14.39 22.46 -5.16
N ASN A 77 13.22 21.93 -4.81
CA ASN A 77 13.04 20.49 -4.67
C ASN A 77 12.99 19.75 -5.99
N ARG A 78 12.45 20.40 -7.01
CA ARG A 78 12.43 19.84 -8.37
C ARG A 78 13.85 19.51 -8.80
N GLU A 79 14.76 20.42 -8.46
CA GLU A 79 16.18 20.27 -8.73
C GLU A 79 16.78 19.12 -7.94
N PHE A 80 16.46 19.10 -6.64
CA PHE A 80 16.92 18.10 -5.69
C PHE A 80 16.50 16.69 -6.11
N VAL A 81 15.20 16.54 -6.42
CA VAL A 81 14.63 15.26 -6.86
C VAL A 81 15.19 14.75 -8.18
N SER A 82 15.55 15.67 -9.08
CA SER A 82 16.15 15.26 -10.36
C SER A 82 17.54 14.68 -10.15
N LYS A 83 18.32 15.31 -9.27
CA LYS A 83 19.66 14.79 -8.95
C LYS A 83 19.51 13.47 -8.23
N TYR A 84 18.68 13.48 -7.18
CA TYR A 84 18.22 12.28 -6.45
C TYR A 84 17.81 11.16 -7.41
N TYR A 85 16.79 11.40 -8.23
CA TYR A 85 16.33 10.42 -9.21
C TYR A 85 17.45 9.85 -10.08
N ALA A 86 18.35 10.72 -10.51
CA ALA A 86 19.44 10.35 -11.42
C ALA A 86 20.46 9.37 -10.84
N ASP A 87 20.91 9.53 -9.60
CA ASP A 87 21.79 8.47 -9.05
C ASP A 87 21.12 7.18 -8.62
N VAL A 88 20.02 7.30 -7.88
CA VAL A 88 19.42 6.19 -7.16
C VAL A 88 18.52 5.28 -8.02
N VAL A 89 17.68 5.89 -8.86
CA VAL A 89 16.63 5.14 -9.54
C VAL A 89 17.15 4.41 -10.79
N GLN A 90 17.04 3.08 -10.77
CA GLN A 90 17.61 2.24 -11.83
C GLN A 90 16.60 1.32 -12.51
N THR A 91 15.36 1.38 -12.07
CA THR A 91 14.25 0.75 -12.78
C THR A 91 13.14 1.82 -12.92
N PRO A 92 12.36 1.77 -14.01
CA PRO A 92 11.27 2.74 -14.17
C PRO A 92 10.21 2.76 -13.06
N GLY A 93 9.67 3.95 -12.81
CA GLY A 93 8.63 4.16 -11.80
C GLY A 93 8.66 5.58 -11.23
N GLU A 94 7.58 5.95 -10.55
CA GLU A 94 7.50 7.27 -9.93
C GLU A 94 8.16 7.34 -8.55
N LEU A 95 8.97 8.38 -8.37
CA LEU A 95 9.56 8.72 -7.09
C LEU A 95 8.82 9.91 -6.49
N VAL A 96 8.37 9.80 -5.24
CA VAL A 96 7.68 10.93 -4.56
C VAL A 96 8.40 11.34 -3.28
N VAL A 97 8.74 12.61 -3.17
CA VAL A 97 9.23 13.17 -1.92
C VAL A 97 8.12 14.06 -1.36
N GLU A 98 7.74 13.82 -0.11
CA GLU A 98 6.63 14.55 0.50
C GLU A 98 6.96 15.12 1.87
N TYR A 99 6.81 16.43 2.02
CA TYR A 99 6.98 17.11 3.30
C TYR A 99 5.62 17.41 3.88
N ARG A 100 5.38 16.92 5.12
CA ARG A 100 4.21 17.30 5.90
C ARG A 100 4.64 18.32 6.97
N CYS A 101 4.18 19.55 6.80
CA CYS A 101 4.73 20.67 7.55
C CYS A 101 3.69 21.33 8.44
N PRO A 102 3.86 21.19 9.77
CA PRO A 102 3.05 21.98 10.68
C PRO A 102 3.39 23.44 10.48
N VAL A 103 2.40 24.32 10.47
CA VAL A 103 2.72 25.74 10.38
C VAL A 103 2.26 26.47 11.66
N PRO A 104 3.04 27.47 12.14
CA PRO A 104 4.18 28.19 11.57
C PRO A 104 5.58 27.60 11.81
N GLN A 105 5.67 26.51 12.56
CA GLN A 105 6.86 25.65 12.56
C GLN A 105 6.22 24.35 12.20
N PHE A 106 6.47 23.72 11.04
CA PHE A 106 7.64 23.75 10.13
C PHE A 106 8.77 22.86 10.62
N ASN A 107 8.47 22.14 11.70
CA ASN A 107 9.18 20.93 12.07
C ASN A 107 8.52 19.83 11.26
N CYS A 108 8.99 19.66 10.03
CA CYS A 108 8.31 18.83 9.04
C CYS A 108 8.71 17.38 9.12
N THR A 109 7.77 16.53 8.74
CA THR A 109 8.03 15.15 8.42
C THR A 109 8.26 15.06 6.91
N ILE A 110 9.16 14.19 6.47
CA ILE A 110 9.38 13.95 5.06
C ILE A 110 9.30 12.44 4.73
N THR A 111 8.49 12.10 3.74
CA THR A 111 8.34 10.71 3.27
C THR A 111 8.87 10.57 1.84
N HIS A 112 9.45 9.42 1.54
CA HIS A 112 9.94 9.11 0.20
C HIS A 112 9.19 7.89 -0.28
N ARG A 113 8.53 8.01 -1.43
CA ARG A 113 7.81 6.88 -1.98
C ARG A 113 8.35 6.50 -3.33
N TRP A 114 8.52 5.19 -3.52
CA TRP A 114 8.88 4.62 -4.81
C TRP A 114 7.73 3.73 -5.26
N LYS A 115 7.15 4.04 -6.42
CA LYS A 115 5.98 3.33 -6.91
C LYS A 115 4.83 3.21 -5.87
N GLY A 116 4.72 4.21 -5.00
CA GLY A 116 3.67 4.25 -3.99
C GLY A 116 4.05 3.70 -2.62
N GLU A 117 5.16 2.97 -2.53
CA GLU A 117 5.63 2.40 -1.25
C GLU A 117 6.66 3.29 -0.56
N THR A 118 6.61 3.32 0.76
CA THR A 118 7.56 4.10 1.54
C THR A 118 8.94 3.43 1.63
N ILE A 119 9.95 4.13 1.17
CA ILE A 119 11.32 3.62 1.17
C ILE A 119 12.16 4.26 2.27
N SER A 121 11.87 7.72 5.57
CA SER A 121 11.18 8.80 6.27
C SER A 121 12.05 9.48 7.34
N PHE A 122 11.64 10.68 7.77
CA PHE A 122 12.40 11.49 8.73
C PHE A 122 11.49 12.51 9.43
N ASP A 123 11.37 12.37 10.75
CA ASP A 123 10.61 13.32 11.58
C ASP A 123 11.52 14.28 12.35
N GLY A 124 12.73 14.50 11.83
CA GLY A 124 13.69 15.37 12.51
C GLY A 124 14.28 14.79 13.79
N ALA A 125 13.71 13.67 14.26
CA ALA A 125 14.30 12.89 15.37
C ALA A 125 14.89 11.56 14.88
N ILE A 126 14.06 10.76 14.19
CA ILE A 126 14.48 9.45 13.67
C ILE A 126 14.47 9.38 12.13
N GLN A 127 15.60 9.01 11.55
CA GLN A 127 15.65 8.61 10.14
C GLN A 127 15.26 7.15 10.05
N THR A 128 14.44 6.81 9.05
CA THR A 128 14.04 5.43 8.83
C THR A 128 14.25 5.05 7.38
N ILE A 129 14.91 3.90 7.17
CA ILE A 129 15.03 3.26 5.88
C ILE A 129 14.31 1.89 5.95
N ARG A 130 13.38 1.68 5.03
CA ARG A 130 12.66 0.43 4.92
C ARG A 130 13.27 -0.41 3.80
N SER A 131 13.60 -1.66 4.15
CA SER A 131 14.63 -2.44 3.45
C SER A 131 14.12 -3.21 2.23
N VAL A 132 14.16 -2.55 1.07
CA VAL A 132 13.51 -3.01 -0.15
C VAL A 132 14.29 -2.50 -1.37
N THR A 133 15.54 -2.12 -1.13
CA THR A 133 16.40 -1.40 -2.08
C THR A 133 16.54 -2.03 -3.48
N SER A 134 16.83 -3.33 -3.52
CA SER A 134 16.98 -4.05 -4.79
C SER A 134 15.84 -3.78 -5.79
N GLU A 135 14.62 -3.67 -5.26
CA GLU A 135 13.42 -3.37 -6.02
C GLU A 135 13.64 -2.24 -7.04
N TYR A 136 14.36 -1.20 -6.64
CA TYR A 136 14.49 0.02 -7.43
C TYR A 136 15.92 0.51 -7.68
N THR A 137 16.91 -0.12 -7.05
CA THR A 137 18.32 0.27 -7.23
C THR A 137 19.28 -0.90 -7.10
N THR A 138 20.42 -0.79 -7.77
CA THR A 138 21.60 -1.63 -7.52
C THR A 138 22.61 -0.88 -6.61
N LYS A 139 22.23 0.32 -6.18
CA LYS A 139 23.03 1.09 -5.22
C LYS A 139 22.58 0.82 -3.78
N ASN A 140 23.46 1.10 -2.82
CA ASN A 140 23.19 0.74 -1.43
C ASN A 140 22.65 1.88 -0.57
N GLU A 141 22.39 1.52 0.67
CA GLU A 141 21.75 2.38 1.66
C GLU A 141 22.52 3.66 1.95
N ASP A 142 23.83 3.64 1.71
CA ASP A 142 24.68 4.83 1.88
C ASP A 142 24.34 5.92 0.88
N THR A 143 24.05 5.53 -0.37
CA THR A 143 23.65 6.48 -1.40
C THR A 143 22.33 7.11 -1.01
N LEU A 144 21.37 6.25 -0.65
CA LEU A 144 20.01 6.64 -0.29
C LEU A 144 19.96 7.67 0.82
N VAL A 145 20.87 7.52 1.77
CA VAL A 145 20.84 8.30 3.01
C VAL A 145 21.34 9.74 2.82
N LYS A 146 22.02 10.00 1.71
CA LYS A 146 22.33 11.37 1.27
C LYS A 146 21.07 12.24 1.13
N TYR A 147 19.96 11.61 0.73
CA TYR A 147 18.74 12.35 0.39
C TYR A 147 17.64 12.29 1.42
N ILE A 148 17.79 11.39 2.39
CA ILE A 148 16.73 11.06 3.35
C ILE A 148 16.09 12.27 4.01
N ARG A 149 16.91 13.26 4.37
CA ARG A 149 16.43 14.43 5.10
C ARG A 149 15.80 15.49 4.17
N GLY A 150 15.99 15.31 2.87
CA GLY A 150 15.52 16.28 1.88
C GLY A 150 16.27 17.60 1.97
N LEU A 151 15.62 18.66 1.50
CA LEU A 151 16.17 20.00 1.60
C LEU A 151 15.82 20.68 2.93
N ASN A 152 16.74 21.54 3.37
CA ASN A 152 16.51 22.50 4.46
C ASN A 152 15.25 23.32 4.17
N VAL A 153 14.51 23.66 5.21
CA VAL A 153 13.26 24.42 5.04
C VAL A 153 13.38 25.89 5.49
N THR A 154 14.58 26.46 5.41
CA THR A 154 14.83 27.81 5.92
C THR A 154 13.99 28.86 5.21
N LEU A 155 13.83 28.69 3.90
CA LEU A 155 12.95 29.54 3.10
C LEU A 155 11.52 29.58 3.68
N LEU A 156 11.05 28.43 4.15
CA LEU A 156 9.74 28.35 4.78
C LEU A 156 9.71 28.95 6.19
N THR A 157 10.73 28.68 7.00
CA THR A 157 10.80 29.20 8.38
C THR A 157 11.12 30.70 8.49
N ASP A 158 11.81 31.27 7.50
CA ASP A 158 12.09 32.72 7.46
C ASP A 158 10.80 33.50 7.21
N ASN A 159 9.87 32.86 6.50
CA ASN A 159 8.62 33.47 6.07
C ASN A 159 7.42 32.75 6.71
N ALA A 160 7.72 32.02 7.79
CA ALA A 160 6.75 31.11 8.42
C ALA A 160 5.39 31.74 8.70
N LYS A 161 5.40 32.95 9.23
CA LYS A 161 4.15 33.60 9.63
C LYS A 161 3.39 34.17 8.42
N SER A 162 4.11 34.83 7.54
CA SER A 162 3.62 35.27 6.24
C SER A 162 2.92 34.12 5.47
N ILE A 163 3.53 32.93 5.51
CA ILE A 163 2.97 31.75 4.85
C ILE A 163 1.65 31.34 5.52
N GLU A 164 1.60 31.48 6.84
CA GLU A 164 0.43 31.10 7.63
C GLU A 164 -0.82 31.90 7.28
N HIS A 165 -0.71 33.22 7.28
CA HIS A 165 -1.85 34.10 7.04
C HIS A 165 -2.38 33.98 5.61
N ARG A 166 -1.48 33.66 4.68
CA ARG A 166 -1.83 33.44 3.29
C ARG A 166 -2.65 32.14 3.11
N TRP A 167 -2.25 31.07 3.81
CA TRP A 167 -2.90 29.76 3.64
C TRP A 167 -4.16 29.60 4.48
N THR A 168 -4.24 30.41 5.54
CA THR A 168 -5.47 30.57 6.29
C THR A 168 -6.49 31.28 5.40
N GLU A 169 -6.03 32.30 4.65
CA GLU A 169 -6.88 32.99 3.69
C GLU A 169 -7.35 32.04 2.59
N ILE A 170 -6.43 31.23 2.06
CA ILE A 170 -6.72 30.25 0.98
C ILE A 170 -7.74 29.20 1.42
N CYS A 171 -7.55 28.65 2.62
CA CYS A 171 -8.49 27.69 3.22
C CYS A 171 -9.88 28.29 3.39
N LYS A 172 -9.92 29.55 3.80
CA LYS A 172 -11.16 30.29 3.98
C LYS A 172 -11.90 30.49 2.64
N LYS A 173 -11.15 30.75 1.59
CA LYS A 173 -11.69 30.81 0.23
C LYS A 173 -12.18 29.44 -0.26
N LEU A 174 -11.47 28.38 0.16
CA LEU A 174 -11.84 27.00 -0.19
C LEU A 174 -13.15 26.62 0.48
N LYS A 175 -13.26 26.91 1.77
CA LYS A 175 -14.49 26.71 2.52
C LYS A 175 -15.69 27.43 1.88
N ASP A 176 -15.49 28.68 1.47
CA ASP A 176 -16.56 29.46 0.81
C ASP A 176 -16.96 28.88 -0.55
N ALA A 177 -15.99 28.33 -1.27
CA ALA A 177 -16.25 27.70 -2.57
C ALA A 177 -16.90 26.31 -2.47
N ASP A 178 -16.74 25.65 -1.32
CA ASP A 178 -17.31 24.30 -1.10
C ASP A 178 -18.83 24.30 -1.00
N ARG A 179 -19.46 24.37 -2.18
CA ARG A 179 -20.91 24.39 -2.31
C ARG A 179 -21.36 23.17 -3.09
N PRO A 180 -21.75 22.09 -2.38
CA PRO A 180 -22.10 20.80 -2.98
C PRO A 180 -23.14 20.87 -4.11
N ASP A 181 -24.02 21.86 -4.08
CA ASP A 181 -25.08 21.98 -5.09
C ASP A 181 -24.60 22.62 -6.38
N ASP A 182 -23.38 23.14 -6.36
CA ASP A 182 -22.77 23.75 -7.56
C ASP A 182 -21.86 22.80 -8.33
N ASN A 183 -21.53 21.67 -7.72
CA ASN A 183 -20.84 20.58 -8.43
C ASN A 183 -21.78 19.95 -9.45
N GLN A 184 -21.21 19.28 -10.46
CA GLN A 184 -22.01 18.64 -11.50
C GLN A 184 -22.03 17.13 -11.27
N TYR A 185 -23.23 16.54 -11.31
CA TYR A 185 -23.40 15.13 -11.01
C TYR A 185 -24.09 14.40 -12.14
N THR A 186 -23.58 13.21 -12.43
CA THR A 186 -23.92 12.43 -13.60
C THR A 186 -24.22 11.01 -13.17
N LEU A 187 -25.24 10.41 -13.77
CA LEU A 187 -25.57 9.00 -13.57
C LEU A 187 -25.94 8.34 -14.90
N GLU A 188 -24.91 7.97 -15.67
CA GLU A 188 -25.06 7.40 -16.99
C GLU A 188 -25.13 5.87 -16.97
N ASP A 189 -26.11 5.33 -17.68
CA ASP A 189 -26.17 3.89 -17.93
C ASP A 189 -25.95 3.61 -19.42
N ASP A 190 -26.27 2.40 -19.87
CA ASP A 190 -26.13 2.00 -21.28
C ASP A 190 -24.69 2.15 -21.82
N ILE A 191 -23.73 1.75 -21.00
CA ILE A 191 -22.32 1.79 -21.40
C ILE A 191 -21.91 0.49 -22.13
N LEU A 192 -22.67 -0.58 -21.89
CA LEU A 192 -22.50 -1.84 -22.61
C LEU A 192 -23.63 -2.01 -23.63
N GLU A 193 -23.45 -1.38 -24.78
CA GLU A 193 -24.48 -1.35 -25.84
C GLU A 193 -24.73 -2.71 -26.51
N ASP A 194 -23.70 -3.54 -26.56
CA ASP A 194 -23.75 -4.85 -27.22
C ASP A 194 -24.22 -5.96 -26.27
N ASP A 195 -24.10 -5.72 -24.97
CA ASP A 195 -24.55 -6.67 -23.97
C ASP A 195 -26.05 -6.49 -23.75
N ILE A 196 -26.81 -7.55 -24.00
CA ILE A 196 -28.26 -7.51 -23.88
C ILE A 196 -28.73 -7.65 -22.42
N GLU A 197 -27.90 -8.27 -21.58
CA GLU A 197 -28.29 -8.55 -20.19
C GLU A 197 -27.52 -7.78 -19.11
N ASP A 199 -24.99 -4.41 -17.89
CA ASP A 199 -24.67 -3.02 -18.16
C ASP A 199 -23.76 -2.45 -17.07
N ILE A 200 -23.14 -1.32 -17.37
CA ILE A 200 -22.34 -0.59 -16.41
C ILE A 200 -22.99 0.75 -16.10
N VAL A 201 -23.19 1.02 -14.82
CA VAL A 201 -23.70 2.29 -14.34
C VAL A 201 -22.53 3.20 -13.90
N GLN A 202 -22.39 4.32 -14.60
CA GLN A 202 -21.37 5.32 -14.30
C GLN A 202 -21.90 6.46 -13.40
N CYS A 203 -21.15 6.77 -12.35
CA CYS A 203 -21.41 7.92 -11.53
C CYS A 203 -20.20 8.84 -11.67
N GLN A 204 -20.43 10.11 -12.00
CA GLN A 204 -19.36 11.12 -12.05
C GLN A 204 -19.70 12.45 -11.36
N THR A 206 -18.08 16.50 -11.11
CA THR A 206 -17.15 17.53 -11.55
C THR A 206 -17.20 18.71 -10.58
N THR A 207 -16.04 19.23 -10.22
CA THR A 207 -15.93 20.25 -9.21
C THR A 207 -14.70 21.08 -9.50
N GLN A 208 -14.68 22.29 -8.94
CA GLN A 208 -13.50 23.14 -8.95
C GLN A 208 -12.93 23.28 -7.53
N VAL A 209 -13.47 22.48 -6.60
CA VAL A 209 -13.04 22.48 -5.19
C VAL A 209 -12.23 21.20 -4.91
N PRO A 210 -10.93 21.34 -4.59
CA PRO A 210 -10.09 20.14 -4.42
C PRO A 210 -10.10 19.55 -3.01
N LEU A 211 -11.27 19.28 -2.48
CA LEU A 211 -11.35 18.46 -1.28
C LEU A 211 -11.08 17.00 -1.68
N LYS A 212 -10.91 16.16 -0.68
CA LYS A 212 -10.82 14.71 -0.91
C LYS A 212 -12.24 14.17 -1.00
N TYR A 213 -12.49 13.34 -2.02
CA TYR A 213 -13.80 12.71 -2.22
C TYR A 213 -13.73 11.19 -2.30
N HIS A 214 -14.72 10.57 -1.70
CA HIS A 214 -14.89 9.13 -1.67
C HIS A 214 -16.26 8.83 -2.29
N THR A 216 -18.90 5.97 -3.77
CA THR A 216 -19.36 4.58 -3.78
C THR A 216 -20.63 4.45 -4.60
N VAL A 217 -20.63 3.52 -5.54
CA VAL A 217 -21.83 3.21 -6.31
C VAL A 217 -22.36 1.88 -5.77
N TRP A 218 -23.57 1.90 -5.22
CA TRP A 218 -24.16 0.69 -4.63
C TRP A 218 -25.17 0.07 -5.58
N SER A 219 -25.21 -1.25 -5.63
CA SER A 219 -26.26 -1.93 -6.39
C SER A 219 -27.60 -1.82 -5.65
N ALA A 220 -28.68 -2.19 -6.34
CA ALA A 220 -30.02 -2.21 -5.75
C ALA A 220 -30.04 -2.86 -4.35
N GLY A 221 -29.52 -4.08 -4.26
CA GLY A 221 -29.49 -4.83 -2.99
C GLY A 221 -28.38 -4.47 -2.01
N ARG A 222 -27.49 -3.56 -2.39
CA ARG A 222 -26.32 -3.17 -1.57
C ARG A 222 -25.36 -4.34 -1.29
N ASP A 223 -25.34 -5.30 -2.21
CA ASP A 223 -24.50 -6.47 -2.11
C ASP A 223 -23.33 -6.40 -3.09
N SER A 224 -23.21 -5.25 -3.75
CA SER A 224 -22.17 -5.01 -4.75
C SER A 224 -21.94 -3.50 -4.84
N ARG A 225 -20.68 -3.09 -4.73
CA ARG A 225 -20.32 -1.68 -4.75
C ARG A 225 -19.05 -1.41 -5.57
N ALA A 226 -18.91 -0.18 -6.07
CA ALA A 226 -17.67 0.29 -6.68
C ALA A 226 -17.20 1.55 -5.96
N ILE A 227 -15.90 1.62 -5.70
CA ILE A 227 -15.34 2.71 -4.91
C ILE A 227 -14.28 3.44 -5.73
N ALA A 228 -14.40 4.77 -5.76
CA ALA A 228 -13.40 5.63 -6.38
C ALA A 228 -12.97 6.72 -5.40
N LEU A 229 -11.78 7.26 -5.64
CA LEU A 229 -11.33 8.45 -4.91
C LEU A 229 -10.96 9.51 -5.92
N SER A 230 -11.10 10.78 -5.52
CA SER A 230 -10.67 11.90 -6.34
C SER A 230 -9.16 11.87 -6.57
N ALA A 231 -8.72 12.38 -7.70
CA ALA A 231 -7.32 12.29 -8.09
C ALA A 231 -6.81 13.60 -8.70
N ILE A 237 -10.27 18.11 -11.63
CA ILE A 237 -10.64 17.18 -10.56
C ILE A 237 -11.99 16.50 -10.82
N GLU A 238 -11.91 15.36 -11.49
CA GLU A 238 -13.08 14.53 -11.77
C GLU A 238 -13.06 13.32 -10.83
N VAL A 239 -14.25 12.87 -10.44
CA VAL A 239 -14.41 11.68 -9.61
C VAL A 239 -15.38 10.81 -10.38
N ALA A 240 -14.98 9.58 -10.68
CA ALA A 240 -15.84 8.68 -11.45
C ALA A 240 -15.70 7.24 -10.99
N SER A 241 -16.80 6.50 -11.10
CA SER A 241 -16.89 5.13 -10.62
C SER A 241 -17.89 4.38 -11.46
N TYR A 242 -17.67 3.07 -11.63
CA TYR A 242 -18.38 2.25 -12.61
C TYR A 242 -18.81 0.91 -12.00
N LEU A 243 -20.12 0.65 -11.97
CA LEU A 243 -20.63 -0.60 -11.42
C LEU A 243 -21.24 -1.49 -12.48
N PRO A 244 -20.78 -2.75 -12.57
CA PRO A 244 -21.44 -3.73 -13.41
C PRO A 244 -22.75 -4.13 -12.74
N VAL A 245 -23.77 -4.33 -13.54
CA VAL A 245 -25.12 -4.50 -13.02
C VAL A 245 -25.92 -5.37 -14.00
N ASN A 246 -26.95 -6.04 -13.48
CA ASN A 246 -27.97 -6.64 -14.33
C ASN A 246 -28.95 -5.55 -14.73
N ARG A 247 -29.28 -5.45 -16.02
CA ARG A 247 -30.18 -4.41 -16.53
C ARG A 247 -31.56 -4.43 -15.87
N SER A 248 -32.02 -5.61 -15.46
CA SER A 248 -33.29 -5.73 -14.74
C SER A 248 -33.20 -5.29 -13.27
N GLN A 249 -31.98 -5.02 -12.80
CA GLN A 249 -31.79 -4.45 -11.45
C GLN A 249 -31.06 -3.09 -11.43
N ILE A 250 -31.16 -2.33 -12.52
CA ILE A 250 -30.57 -0.98 -12.59
C ILE A 250 -31.27 0.03 -11.67
N LEU A 251 -32.58 -0.12 -11.50
CA LEU A 251 -33.35 0.70 -10.55
C LEU A 251 -32.87 0.57 -9.11
N ASN A 252 -32.76 1.71 -8.44
CA ASN A 252 -32.35 1.78 -7.02
C ASN A 252 -30.84 1.63 -6.79
N THR A 253 -30.08 1.46 -7.86
CA THR A 253 -28.63 1.53 -7.79
C THR A 253 -28.29 2.97 -7.42
N THR A 254 -27.51 3.16 -6.37
CA THR A 254 -27.28 4.49 -5.83
C THR A 254 -25.82 4.93 -5.98
N CYS A 255 -25.55 6.20 -5.71
CA CYS A 255 -24.19 6.70 -5.70
C CYS A 255 -24.08 7.61 -4.49
N GLU A 256 -23.07 7.37 -3.67
CA GLU A 256 -22.82 8.17 -2.48
C GLU A 256 -21.44 8.78 -2.54
N ILE A 257 -21.39 10.10 -2.33
CA ILE A 257 -20.15 10.83 -2.37
C ILE A 257 -19.99 11.57 -1.05
N THR A 258 -18.83 11.39 -0.44
CA THR A 258 -18.52 12.03 0.83
C THR A 258 -17.29 12.91 0.60
N SER A 259 -17.35 14.12 1.15
CA SER A 259 -16.24 15.05 1.04
C SER A 259 -15.40 15.08 2.30
N SER A 260 -14.17 15.54 2.12
CA SER A 260 -13.25 15.89 3.21
C SER A 260 -13.76 17.01 4.15
N SER A 261 -14.88 17.64 3.78
CA SER A 261 -15.47 18.68 4.64
C SER A 261 -16.68 18.13 5.40
N GLY A 262 -17.00 16.85 5.17
CA GLY A 262 -17.97 16.13 5.98
C GLY A 262 -19.35 15.91 5.38
N TRP A 263 -19.65 16.58 4.28
CA TRP A 263 -20.93 16.37 3.62
C TRP A 263 -21.00 15.07 2.85
N THR A 264 -22.22 14.62 2.58
CA THR A 264 -22.48 13.42 1.82
C THR A 264 -23.62 13.68 0.84
N VAL A 265 -23.32 13.48 -0.45
CA VAL A 265 -24.29 13.54 -1.51
C VAL A 265 -24.71 12.12 -1.89
N ARG A 266 -26.01 11.90 -2.05
CA ARG A 266 -26.47 10.66 -2.65
C ARG A 266 -27.34 10.90 -3.87
N LEU A 267 -27.06 10.14 -4.91
CA LEU A 267 -27.82 10.16 -6.14
C LEU A 267 -28.48 8.80 -6.27
N ARG A 268 -29.63 8.75 -6.94
CA ARG A 268 -30.34 7.49 -7.13
C ARG A 268 -30.77 7.31 -8.58
N PHE A 269 -30.61 6.08 -9.08
CA PHE A 269 -31.13 5.73 -10.39
C PHE A 269 -32.63 5.39 -10.27
N SER A 270 -33.46 6.36 -10.67
CA SER A 270 -34.90 6.31 -10.44
C SER A 270 -35.68 5.65 -11.60
N GLU A 271 -36.95 5.33 -11.36
CA GLU A 271 -37.83 4.76 -12.41
C GLU A 271 -38.05 5.71 -13.58
N GLU A 272 -37.99 7.02 -13.29
CA GLU A 272 -37.94 8.08 -14.30
C GLU A 272 -36.79 7.83 -15.27
N VAL A 274 -34.97 4.92 -15.46
CA VAL A 274 -35.13 3.59 -16.05
C VAL A 274 -36.01 3.64 -17.32
N ALA A 275 -37.18 4.29 -17.22
CA ALA A 275 -38.08 4.46 -18.36
C ALA A 275 -37.38 5.08 -19.57
N ALA A 276 -36.70 6.22 -19.34
CA ALA A 276 -35.86 6.85 -20.35
C ALA A 276 -34.49 6.17 -20.40
N SER A 277 -34.38 5.12 -21.20
CA SER A 277 -33.15 4.31 -21.27
C SER A 277 -33.28 3.27 -22.37
N PRO B 5 23.70 -13.39 20.65
CA PRO B 5 22.25 -13.61 20.44
C PRO B 5 21.45 -13.51 21.76
N GLU B 6 20.82 -12.36 21.99
CA GLU B 6 20.12 -12.16 23.25
C GLU B 6 18.61 -12.29 23.08
N VAL B 7 18.09 -13.46 23.48
CA VAL B 7 16.67 -13.78 23.32
C VAL B 7 15.83 -13.34 24.51
N ASN B 8 14.72 -12.66 24.21
CA ASN B 8 13.70 -12.37 25.19
C ASN B 8 12.40 -13.07 24.81
N ARG B 9 11.88 -13.87 25.73
CA ARG B 9 10.68 -14.68 25.51
C ARG B 9 9.48 -14.19 26.35
N THR B 10 9.62 -13.07 27.04
CA THR B 10 8.47 -12.49 27.71
C THR B 10 7.49 -12.01 26.67
N GLY B 11 6.23 -12.35 26.88
CA GLY B 11 5.19 -11.98 25.93
C GLY B 11 4.97 -13.00 24.84
N THR B 12 5.79 -14.06 24.81
CA THR B 12 5.57 -15.16 23.86
C THR B 12 4.12 -15.61 23.89
N VAL B 13 3.50 -15.72 22.72
CA VAL B 13 2.11 -16.18 22.65
C VAL B 13 2.01 -17.63 22.16
N ASP B 14 0.80 -18.17 22.19
CA ASP B 14 0.50 -19.48 21.62
C ASP B 14 -0.07 -19.25 20.21
N ILE B 15 0.74 -19.53 19.18
CA ILE B 15 0.34 -19.23 17.81
C ILE B 15 -0.81 -20.11 17.32
N CYS B 16 -1.01 -21.24 17.99
CA CYS B 16 -2.09 -22.17 17.69
C CYS B 16 -3.34 -21.99 18.57
N GLN B 17 -3.50 -20.82 19.18
CA GLN B 17 -4.70 -20.54 19.99
C GLN B 17 -5.70 -19.73 19.16
N GLY B 18 -6.91 -19.57 19.69
CA GLY B 18 -7.97 -18.81 19.02
C GLY B 18 -8.48 -19.60 17.83
N PRO B 19 -9.40 -19.00 17.04
CA PRO B 19 -9.97 -19.70 15.89
C PRO B 19 -8.99 -19.77 14.74
N GLU B 21 -7.35 -19.94 11.00
CA GLU B 21 -7.52 -19.36 9.68
C GLU B 21 -6.46 -19.92 8.73
N LEU B 22 -6.88 -20.31 7.53
CA LEU B 22 -5.93 -20.70 6.49
C LEU B 22 -5.95 -19.66 5.37
N ILE B 23 -4.77 -19.30 4.88
CA ILE B 23 -4.67 -18.26 3.86
C ILE B 23 -4.12 -18.89 2.60
N PHE B 24 -4.91 -18.87 1.53
CA PHE B 24 -4.52 -19.43 0.23
C PHE B 24 -4.18 -18.30 -0.72
N SER B 25 -2.91 -18.19 -1.12
CA SER B 25 -2.46 -17.15 -2.04
C SER B 25 -2.01 -17.77 -3.35
N VAL B 26 -2.53 -17.23 -4.44
CA VAL B 26 -2.26 -17.73 -5.77
C VAL B 26 -1.90 -16.54 -6.67
N SER B 27 -0.74 -16.63 -7.32
CA SER B 27 -0.23 -15.54 -8.13
C SER B 27 0.24 -15.97 -9.51
N ARG B 28 0.17 -14.99 -10.42
CA ARG B 28 0.64 -15.13 -11.78
C ARG B 28 1.30 -13.82 -12.22
N THR B 29 2.33 -13.95 -13.05
CA THR B 29 3.08 -12.83 -13.63
C THR B 29 2.88 -12.80 -15.16
N SER B 30 3.20 -11.68 -15.80
CA SER B 30 3.07 -11.52 -17.27
C SER B 30 3.89 -12.56 -18.02
N SER B 31 5.09 -12.83 -17.53
CA SER B 31 5.97 -13.87 -18.08
C SER B 31 5.53 -15.31 -17.77
N GLY B 32 4.39 -15.49 -17.09
CA GLY B 32 3.86 -16.82 -16.79
C GLY B 32 4.44 -17.56 -15.58
N ALA B 33 5.32 -16.90 -14.83
CA ALA B 33 5.68 -17.36 -13.49
C ALA B 33 4.44 -17.44 -12.58
N THR B 34 4.43 -18.43 -11.68
CA THR B 34 3.31 -18.66 -10.75
C THR B 34 3.75 -18.99 -9.33
N GLY B 35 2.82 -18.80 -8.39
CA GLY B 35 3.04 -19.15 -6.98
C GLY B 35 1.74 -19.53 -6.30
N GLU B 36 1.79 -20.55 -5.45
CA GLU B 36 0.63 -20.94 -4.67
C GLU B 36 1.11 -21.22 -3.27
N ARG B 37 0.47 -20.59 -2.30
CA ARG B 37 0.90 -20.73 -0.92
C ARG B 37 -0.23 -20.95 0.05
N ILE B 38 0.08 -21.67 1.12
CA ILE B 38 -0.80 -21.73 2.29
C ILE B 38 -0.03 -21.25 3.52
N SER B 39 -0.63 -20.33 4.26
CA SER B 39 -0.16 -19.90 5.56
C SER B 39 -1.30 -19.85 6.55
N LEU B 40 -0.93 -19.78 7.83
CA LEU B 40 -1.86 -19.52 8.90
C LEU B 40 -1.88 -18.02 9.04
N LYS B 41 -2.76 -17.49 9.89
CA LYS B 41 -2.95 -16.04 10.01
C LYS B 41 -1.71 -15.29 10.53
N ASN B 42 -0.86 -15.97 11.29
CA ASN B 42 0.30 -15.29 11.92
C ASN B 42 1.64 -15.79 11.39
N THR B 43 1.63 -16.31 10.15
CA THR B 43 2.81 -16.91 9.53
C THR B 43 2.94 -16.50 8.08
N LEU B 44 4.14 -16.68 7.54
CA LEU B 44 4.32 -16.74 6.10
C LEU B 44 3.99 -18.16 5.63
N SER B 45 4.24 -18.47 4.35
CA SER B 45 3.74 -19.74 3.84
C SER B 45 4.42 -20.95 4.49
N ILE B 46 3.63 -22.00 4.69
CA ILE B 46 4.11 -23.23 5.28
C ILE B 46 4.25 -24.27 4.15
N VAL B 47 3.28 -24.28 3.26
CA VAL B 47 3.33 -25.04 2.02
C VAL B 47 3.35 -24.06 0.82
N SER B 48 4.24 -24.29 -0.13
CA SER B 48 4.25 -23.47 -1.33
C SER B 48 4.66 -24.23 -2.58
N GLU B 50 6.23 -23.21 -6.60
CA GLU B 50 6.79 -22.12 -7.36
C GLU B 50 6.98 -22.55 -8.81
N ASN B 51 6.45 -21.73 -9.71
CA ASN B 51 6.48 -22.01 -11.14
C ASN B 51 6.12 -23.46 -11.48
N GLY B 52 5.03 -23.92 -10.88
CA GLY B 52 4.50 -25.25 -11.14
C GLY B 52 5.23 -26.42 -10.52
N GLY B 53 6.12 -26.15 -9.57
CA GLY B 53 6.87 -27.23 -8.91
C GLY B 53 6.04 -28.04 -7.91
N LYS B 54 6.69 -29.00 -7.28
CA LYS B 54 6.09 -29.88 -6.27
C LYS B 54 6.01 -29.11 -4.97
N PRO B 55 5.03 -29.44 -4.10
CA PRO B 55 4.86 -28.67 -2.87
C PRO B 55 6.11 -28.72 -2.01
N GLY B 56 6.49 -27.57 -1.47
CA GLY B 56 7.71 -27.48 -0.70
C GLY B 56 7.34 -27.03 0.69
N THR B 57 7.99 -27.63 1.67
CA THR B 57 7.74 -27.29 3.05
C THR B 57 9.04 -27.40 3.87
N TYR B 58 8.91 -27.37 5.19
CA TYR B 58 10.09 -27.23 6.02
C TYR B 58 10.49 -28.50 6.76
N GLU B 59 11.76 -28.51 7.17
CA GLU B 59 12.42 -29.61 7.87
C GLU B 59 11.63 -30.19 9.05
N TRP B 60 10.74 -29.39 9.64
CA TRP B 60 10.03 -29.77 10.87
C TRP B 60 8.62 -30.34 10.66
N SER B 61 8.07 -30.19 9.44
CA SER B 61 6.66 -30.50 9.15
C SER B 61 6.46 -31.86 8.48
N PHE B 62 5.20 -32.26 8.29
CA PHE B 62 4.87 -33.41 7.44
C PHE B 62 5.45 -33.13 6.05
N PRO B 63 5.94 -34.17 5.36
CA PRO B 63 6.17 -34.04 3.93
C PRO B 63 4.90 -33.53 3.26
N ALA B 64 5.06 -32.54 2.41
CA ALA B 64 3.94 -31.93 1.71
C ALA B 64 3.40 -32.91 0.69
N ASN B 65 2.18 -33.35 0.91
CA ASN B 65 1.52 -34.31 0.03
C ASN B 65 0.55 -33.62 -0.94
N GLU B 66 0.85 -33.76 -2.23
CA GLU B 66 0.13 -33.06 -3.31
C GLU B 66 -1.34 -33.46 -3.43
N SER B 67 -1.69 -34.63 -2.89
CA SER B 67 -3.07 -35.12 -2.89
C SER B 67 -3.96 -34.55 -1.81
N TRP B 68 -3.38 -33.76 -0.87
CA TRP B 68 -4.19 -33.10 0.14
C TRP B 68 -5.13 -32.15 -0.55
N PRO B 69 -6.41 -32.13 -0.13
CA PRO B 69 -7.44 -31.28 -0.73
C PRO B 69 -7.12 -29.78 -0.69
N GLU B 70 -6.49 -29.28 0.40
CA GLU B 70 -5.99 -27.89 0.45
C GLU B 70 -5.03 -27.64 -0.72
N ILE B 71 -4.13 -28.58 -0.99
CA ILE B 71 -3.18 -28.42 -2.09
C ILE B 71 -3.83 -28.54 -3.47
N GLN B 72 -4.76 -29.48 -3.64
CA GLN B 72 -5.61 -29.57 -4.82
C GLN B 72 -6.37 -28.27 -5.05
N PHE B 73 -6.90 -27.67 -3.98
CA PHE B 73 -7.55 -26.36 -4.06
C PHE B 73 -6.60 -25.30 -4.61
N LEU B 74 -5.31 -25.37 -4.24
CA LEU B 74 -4.28 -24.48 -4.84
C LEU B 74 -4.07 -24.72 -6.35
N LEU B 75 -4.03 -25.98 -6.75
CA LEU B 75 -3.83 -26.29 -8.18
C LEU B 75 -5.07 -25.92 -9.00
N GLN B 76 -6.25 -26.14 -8.42
CA GLN B 76 -7.50 -25.70 -8.99
C GLN B 76 -7.54 -24.17 -9.24
N ASN B 77 -7.03 -23.40 -8.28
CA ASN B 77 -6.89 -21.94 -8.42
C ASN B 77 -5.82 -21.47 -9.38
N ARG B 78 -4.79 -22.28 -9.56
CA ARG B 78 -3.81 -22.06 -10.62
C ARG B 78 -4.49 -21.97 -12.00
N GLU B 79 -5.47 -22.84 -12.22
CA GLU B 79 -6.25 -22.89 -13.45
C GLU B 79 -7.18 -21.67 -13.54
N PHE B 80 -7.80 -21.33 -12.41
CA PHE B 80 -8.68 -20.16 -12.31
C PHE B 80 -7.91 -18.87 -12.63
N VAL B 81 -6.76 -18.68 -11.99
CA VAL B 81 -5.96 -17.48 -12.17
C VAL B 81 -5.39 -17.35 -13.59
N SER B 82 -5.05 -18.48 -14.23
CA SER B 82 -4.55 -18.43 -15.62
C SER B 82 -5.61 -17.93 -16.60
N LYS B 83 -6.85 -18.40 -16.42
CA LYS B 83 -7.99 -17.95 -17.18
C LYS B 83 -8.30 -16.49 -16.86
N TYR B 84 -8.46 -16.19 -15.57
CA TYR B 84 -8.60 -14.82 -15.05
C TYR B 84 -7.58 -13.86 -15.68
N TYR B 85 -6.30 -14.18 -15.52
CA TYR B 85 -5.22 -13.35 -16.06
C TYR B 85 -5.33 -13.12 -17.58
N ALA B 86 -5.53 -14.21 -18.33
CA ALA B 86 -5.56 -14.15 -19.80
C ALA B 86 -6.52 -13.11 -20.36
N ASP B 87 -7.74 -13.05 -19.82
CA ASP B 87 -8.73 -12.15 -20.39
C ASP B 87 -9.02 -10.89 -19.59
N VAL B 88 -8.29 -10.69 -18.51
CA VAL B 88 -8.43 -9.48 -17.71
C VAL B 88 -7.19 -8.58 -17.81
N VAL B 89 -6.01 -9.17 -17.69
CA VAL B 89 -4.76 -8.40 -17.62
C VAL B 89 -4.16 -8.08 -18.99
N GLN B 90 -4.03 -6.79 -19.28
CA GLN B 90 -3.51 -6.33 -20.57
C GLN B 90 -2.26 -5.46 -20.44
N THR B 91 -1.62 -5.49 -19.27
CA THR B 91 -0.38 -4.74 -19.02
C THR B 91 0.46 -5.50 -17.98
N PRO B 92 1.79 -5.59 -18.18
CA PRO B 92 2.62 -6.44 -17.31
C PRO B 92 2.45 -6.17 -15.81
N GLY B 93 2.36 -7.24 -15.01
CA GLY B 93 2.29 -7.11 -13.55
C GLY B 93 1.79 -8.37 -12.86
N GLU B 94 1.97 -8.42 -11.55
CA GLU B 94 1.61 -9.62 -10.79
C GLU B 94 0.19 -9.54 -10.27
N LEU B 95 -0.59 -10.56 -10.61
CA LEU B 95 -1.95 -10.73 -10.10
C LEU B 95 -1.93 -11.72 -8.96
N VAL B 96 -2.49 -11.34 -7.81
CA VAL B 96 -2.65 -12.24 -6.68
C VAL B 96 -4.10 -12.39 -6.27
N VAL B 97 -4.53 -13.63 -6.17
CA VAL B 97 -5.81 -13.97 -5.57
C VAL B 97 -5.56 -14.56 -4.19
N GLU B 98 -6.25 -14.02 -3.19
CA GLU B 98 -6.08 -14.49 -1.82
C GLU B 98 -7.38 -14.83 -1.10
N TYR B 99 -7.52 -16.09 -0.69
CA TYR B 99 -8.63 -16.52 0.18
C TYR B 99 -8.19 -16.54 1.65
N ARG B 100 -8.96 -15.86 2.51
CA ARG B 100 -8.83 -15.97 3.97
C ARG B 100 -9.97 -16.82 4.49
N CYS B 101 -9.62 -18.00 5.01
CA CYS B 101 -10.60 -19.04 5.30
C CYS B 101 -10.66 -19.47 6.77
N PRO B 102 -11.75 -19.14 7.49
CA PRO B 102 -11.94 -19.71 8.82
C PRO B 102 -12.10 -21.24 8.76
N VAL B 103 -11.45 -21.96 9.67
CA VAL B 103 -11.62 -23.41 9.73
C VAL B 103 -12.26 -23.81 11.06
N PRO B 104 -13.14 -24.84 11.05
CA PRO B 104 -13.52 -25.69 9.90
C PRO B 104 -14.68 -25.12 9.09
N GLN B 105 -15.09 -23.93 9.47
CA GLN B 105 -16.24 -23.25 8.93
C GLN B 105 -15.75 -22.45 7.73
N PHE B 106 -15.72 -23.03 6.54
CA PHE B 106 -15.01 -22.36 5.43
C PHE B 106 -15.76 -21.24 4.73
N ASN B 107 -16.26 -20.27 5.49
CA ASN B 107 -16.90 -19.10 4.91
C ASN B 107 -15.83 -18.05 4.57
N CYS B 108 -15.21 -18.21 3.42
CA CYS B 108 -13.96 -17.53 3.11
C CYS B 108 -14.13 -16.12 2.57
N THR B 109 -13.14 -15.28 2.88
CA THR B 109 -12.95 -13.98 2.24
C THR B 109 -11.96 -14.07 1.06
N ILE B 110 -12.19 -13.26 0.03
CA ILE B 110 -11.30 -13.21 -1.13
C ILE B 110 -10.94 -11.77 -1.49
N THR B 111 -9.63 -11.54 -1.67
CA THR B 111 -9.03 -10.29 -2.10
C THR B 111 -8.27 -10.52 -3.41
N HIS B 112 -8.24 -9.49 -4.26
CA HIS B 112 -7.55 -9.51 -5.51
C HIS B 112 -6.59 -8.35 -5.52
N ARG B 113 -5.35 -8.60 -5.91
CA ARG B 113 -4.35 -7.58 -5.89
C ARG B 113 -3.65 -7.55 -7.23
N TRP B 114 -3.46 -6.33 -7.71
CA TRP B 114 -2.72 -6.10 -8.90
C TRP B 114 -1.56 -5.15 -8.55
N LYS B 115 -0.34 -5.58 -8.85
CA LYS B 115 0.88 -4.84 -8.50
C LYS B 115 0.93 -4.49 -7.02
N GLY B 116 0.45 -5.41 -6.18
CA GLY B 116 0.44 -5.20 -4.74
C GLY B 116 -0.76 -4.38 -4.26
N GLU B 117 -1.56 -3.85 -5.17
CA GLU B 117 -2.70 -3.01 -4.80
C GLU B 117 -4.05 -3.71 -4.95
N THR B 118 -4.86 -3.66 -3.89
CA THR B 118 -6.21 -4.24 -3.87
C THR B 118 -7.11 -3.61 -4.94
N ILE B 119 -7.64 -4.45 -5.83
CA ILE B 119 -8.56 -4.03 -6.89
C ILE B 119 -10.01 -4.56 -6.70
N SER B 121 -12.67 -7.26 -3.91
CA SER B 121 -12.87 -8.09 -2.72
C SER B 121 -14.32 -8.55 -2.55
N PHE B 122 -14.49 -9.70 -1.91
CA PHE B 122 -15.80 -10.21 -1.55
C PHE B 122 -15.70 -10.85 -0.16
N ASP B 123 -16.37 -10.24 0.82
CA ASP B 123 -16.32 -10.68 2.22
C ASP B 123 -17.45 -11.65 2.59
N GLY B 124 -18.60 -11.11 2.94
CA GLY B 124 -19.75 -11.93 3.27
C GLY B 124 -20.85 -11.66 2.28
N ALA B 125 -21.46 -10.49 2.38
CA ALA B 125 -22.57 -10.16 1.51
C ALA B 125 -22.16 -9.26 0.37
N ILE B 126 -21.01 -8.60 0.50
CA ILE B 126 -20.68 -7.49 -0.38
C ILE B 126 -19.45 -7.71 -1.26
N GLN B 127 -19.68 -7.68 -2.57
CA GLN B 127 -18.63 -7.52 -3.59
C GLN B 127 -18.17 -6.07 -3.67
N THR B 128 -16.86 -5.84 -3.64
CA THR B 128 -16.28 -4.50 -3.85
C THR B 128 -15.33 -4.51 -5.04
N ILE B 129 -15.49 -3.54 -5.94
CA ILE B 129 -14.49 -3.22 -6.96
C ILE B 129 -13.94 -1.83 -6.62
N ARG B 130 -12.62 -1.69 -6.62
CA ARG B 130 -12.04 -0.35 -6.60
C ARG B 130 -11.82 0.04 -8.06
N SER B 131 -12.29 1.24 -8.43
CA SER B 131 -12.32 1.66 -9.83
C SER B 131 -10.97 2.18 -10.38
N VAL B 132 -10.06 1.24 -10.60
CA VAL B 132 -8.74 1.50 -11.17
C VAL B 132 -8.54 0.62 -12.42
N THR B 133 -9.66 0.10 -12.93
CA THR B 133 -9.70 -0.84 -14.04
C THR B 133 -8.85 -0.35 -15.21
N SER B 134 -9.10 0.89 -15.62
CA SER B 134 -8.39 1.55 -16.72
C SER B 134 -6.94 1.88 -16.39
N GLU B 135 -6.27 0.95 -15.70
CA GLU B 135 -4.83 0.99 -15.48
C GLU B 135 -4.19 -0.40 -15.63
N TYR B 136 -5.03 -1.44 -15.63
CA TYR B 136 -4.59 -2.80 -15.91
C TYR B 136 -5.40 -3.53 -17.00
N THR B 137 -6.59 -3.01 -17.30
CA THR B 137 -7.51 -3.62 -18.26
C THR B 137 -7.99 -2.60 -19.28
N THR B 138 -7.98 -3.00 -20.55
CA THR B 138 -8.71 -2.27 -21.59
C THR B 138 -10.19 -2.65 -21.50
N LYS B 139 -10.45 -3.81 -20.91
CA LYS B 139 -11.80 -4.34 -20.78
C LYS B 139 -12.58 -3.66 -19.65
N ASN B 140 -13.81 -4.10 -19.44
CA ASN B 140 -14.76 -3.42 -18.59
C ASN B 140 -15.07 -4.19 -17.29
N GLU B 141 -15.69 -3.50 -16.33
CA GLU B 141 -15.95 -4.04 -15.00
C GLU B 141 -16.84 -5.29 -15.03
N ASP B 142 -17.55 -5.49 -16.13
CA ASP B 142 -18.38 -6.68 -16.32
C ASP B 142 -17.54 -7.94 -16.59
N THR B 143 -16.35 -7.76 -17.15
CA THR B 143 -15.35 -8.84 -17.26
C THR B 143 -14.85 -9.22 -15.86
N LEU B 144 -14.43 -8.21 -15.09
CA LEU B 144 -13.90 -8.41 -13.74
C LEU B 144 -14.82 -9.27 -12.88
N VAL B 145 -16.05 -8.82 -12.73
CA VAL B 145 -17.07 -9.45 -11.88
C VAL B 145 -17.32 -10.95 -12.16
N LYS B 146 -16.84 -11.44 -13.30
CA LYS B 146 -16.82 -12.87 -13.57
C LYS B 146 -15.86 -13.63 -12.64
N TYR B 147 -14.92 -12.89 -12.06
CA TYR B 147 -13.85 -13.52 -11.27
C TYR B 147 -13.84 -13.12 -9.83
N ILE B 148 -14.64 -12.12 -9.46
CA ILE B 148 -14.55 -11.48 -8.14
C ILE B 148 -14.74 -12.44 -6.97
N ARG B 149 -15.70 -13.35 -7.13
CA ARG B 149 -16.12 -14.25 -6.05
C ARG B 149 -15.18 -15.47 -5.92
N GLY B 150 -14.31 -15.64 -6.92
CA GLY B 150 -13.39 -16.78 -6.94
C GLY B 150 -14.05 -18.13 -7.19
N LEU B 151 -13.41 -19.17 -6.69
CA LEU B 151 -13.90 -20.53 -6.84
C LEU B 151 -14.79 -20.97 -5.67
N ASN B 152 -15.62 -21.97 -5.93
CA ASN B 152 -16.31 -22.67 -4.86
C ASN B 152 -15.28 -23.40 -3.99
N VAL B 153 -15.48 -23.36 -2.68
CA VAL B 153 -14.54 -23.97 -1.74
C VAL B 153 -14.91 -25.41 -1.39
N THR B 154 -15.67 -26.05 -2.26
CA THR B 154 -16.17 -27.42 -2.08
C THR B 154 -15.08 -28.46 -1.79
N LEU B 155 -13.94 -28.35 -2.44
CA LEU B 155 -12.78 -29.18 -2.12
C LEU B 155 -12.38 -29.01 -0.64
N LEU B 156 -12.60 -27.81 -0.11
CA LEU B 156 -12.29 -27.52 1.29
C LEU B 156 -13.40 -27.95 2.23
N THR B 157 -14.64 -27.58 1.95
CA THR B 157 -15.80 -27.99 2.77
C THR B 157 -16.06 -29.51 2.82
N ASP B 158 -15.87 -30.20 1.70
CA ASP B 158 -15.99 -31.67 1.67
C ASP B 158 -15.01 -32.33 2.66
N ASN B 159 -13.88 -31.67 2.88
CA ASN B 159 -12.80 -32.23 3.65
C ASN B 159 -12.47 -31.42 4.89
N ALA B 160 -13.47 -30.66 5.38
CA ALA B 160 -13.24 -29.58 6.36
C ALA B 160 -12.48 -29.99 7.62
N LYS B 161 -12.83 -31.16 8.16
CA LYS B 161 -12.35 -31.56 9.49
C LYS B 161 -10.99 -32.24 9.39
N SER B 162 -10.79 -32.95 8.29
CA SER B 162 -9.50 -33.54 7.99
C SER B 162 -8.44 -32.45 7.80
N ILE B 163 -8.79 -31.38 7.07
CA ILE B 163 -7.92 -30.21 6.93
C ILE B 163 -7.65 -29.53 8.29
N GLU B 164 -8.71 -29.28 9.06
CA GLU B 164 -8.58 -28.72 10.41
C GLU B 164 -7.61 -29.52 11.25
N HIS B 165 -7.73 -30.84 11.21
CA HIS B 165 -6.88 -31.76 11.96
C HIS B 165 -5.42 -31.75 11.50
N ARG B 166 -5.20 -31.84 10.19
CA ARG B 166 -3.86 -31.76 9.61
C ARG B 166 -3.14 -30.45 10.00
N TRP B 167 -3.84 -29.32 9.91
CA TRP B 167 -3.24 -27.98 10.07
C TRP B 167 -3.11 -27.59 11.55
N THR B 168 -3.95 -28.20 12.39
CA THR B 168 -3.77 -28.16 13.85
C THR B 168 -2.48 -28.85 14.27
N GLU B 169 -2.14 -29.97 13.63
CA GLU B 169 -0.88 -30.65 13.89
C GLU B 169 0.33 -29.96 13.26
N ILE B 170 0.15 -29.38 12.09
CA ILE B 170 1.20 -28.60 11.44
C ILE B 170 1.51 -27.37 12.32
N CYS B 171 0.46 -26.70 12.80
CA CYS B 171 0.62 -25.54 13.68
C CYS B 171 1.38 -25.88 14.96
N LYS B 172 1.20 -27.08 15.48
CA LYS B 172 1.84 -27.48 16.72
C LYS B 172 3.28 -27.81 16.46
N LYS B 173 3.54 -28.47 15.33
CA LYS B 173 4.90 -28.76 14.92
C LYS B 173 5.70 -27.48 14.64
N LEU B 174 5.02 -26.45 14.15
CA LEU B 174 5.64 -25.15 13.85
C LEU B 174 5.91 -24.46 15.17
N LYS B 175 4.92 -24.48 16.05
CA LYS B 175 5.03 -23.90 17.39
C LYS B 175 6.20 -24.54 18.13
N ASP B 176 6.36 -25.86 17.98
CA ASP B 176 7.49 -26.58 18.55
C ASP B 176 8.81 -26.27 17.83
N ALA B 177 8.77 -26.11 16.51
CA ALA B 177 9.98 -25.79 15.73
C ALA B 177 10.56 -24.38 16.02
N ASP B 178 9.72 -23.48 16.54
CA ASP B 178 10.10 -22.12 16.80
C ASP B 178 11.01 -22.07 18.03
N ARG B 179 12.31 -22.09 17.77
CA ARG B 179 13.34 -22.16 18.79
C ARG B 179 14.41 -21.14 18.47
N PRO B 180 14.28 -19.91 19.01
CA PRO B 180 15.18 -18.81 18.66
C PRO B 180 16.67 -19.16 18.63
N ASP B 181 17.15 -19.94 19.60
CA ASP B 181 18.58 -20.26 19.69
C ASP B 181 19.10 -21.16 18.57
N ASP B 182 18.19 -21.78 17.82
CA ASP B 182 18.56 -22.65 16.73
C ASP B 182 18.53 -21.92 15.37
N ASN B 183 18.12 -20.66 15.40
CA ASN B 183 18.20 -19.80 14.23
C ASN B 183 19.66 -19.34 14.08
N GLN B 184 19.99 -18.80 12.91
CA GLN B 184 21.35 -18.28 12.71
C GLN B 184 21.31 -16.78 12.54
N TYR B 185 22.03 -16.10 13.43
CA TYR B 185 22.09 -14.64 13.48
C TYR B 185 23.48 -14.12 13.09
N THR B 186 23.51 -13.10 12.24
CA THR B 186 24.76 -12.41 11.92
C THR B 186 24.62 -10.88 12.01
N LEU B 187 25.64 -10.26 12.59
CA LEU B 187 25.75 -8.82 12.69
C LEU B 187 27.14 -8.43 12.18
N GLU B 188 27.19 -7.68 11.07
CA GLU B 188 28.45 -7.48 10.37
C GLU B 188 28.63 -6.07 9.78
N ASP B 189 29.85 -5.53 9.96
CA ASP B 189 30.26 -4.31 9.31
C ASP B 189 31.27 -4.63 8.20
N ASP B 190 32.07 -3.64 7.84
CA ASP B 190 33.04 -3.73 6.75
C ASP B 190 32.40 -4.15 5.44
N ILE B 191 31.31 -3.46 5.13
CA ILE B 191 30.63 -3.60 3.86
C ILE B 191 31.13 -2.52 2.90
N LEU B 192 31.28 -1.30 3.42
CA LEU B 192 31.79 -0.17 2.66
C LEU B 192 33.32 -0.04 2.79
N GLU B 193 34.04 -0.85 2.01
CA GLU B 193 35.51 -0.90 2.06
C GLU B 193 36.22 0.42 1.74
N ASP B 194 35.68 1.20 0.80
CA ASP B 194 36.33 2.44 0.35
C ASP B 194 35.74 3.70 0.96
N ASP B 195 35.26 3.61 2.18
CA ASP B 195 34.59 4.74 2.81
C ASP B 195 35.24 5.11 4.12
N ILE B 196 35.32 6.41 4.33
CA ILE B 196 36.21 7.05 5.31
C ILE B 196 35.48 7.36 6.62
N GLU B 197 34.23 7.80 6.53
CA GLU B 197 33.45 8.09 7.72
C GLU B 197 32.29 7.12 7.89
N ASP B 199 30.16 3.33 7.28
CA ASP B 199 30.07 1.91 7.01
C ASP B 199 28.61 1.46 6.90
N ILE B 200 28.41 0.20 6.59
CA ILE B 200 27.08 -0.38 6.66
C ILE B 200 27.10 -1.55 7.65
N VAL B 201 26.20 -1.49 8.63
CA VAL B 201 25.94 -2.63 9.49
C VAL B 201 24.81 -3.47 8.92
N GLN B 202 25.14 -4.72 8.62
CA GLN B 202 24.22 -5.71 8.12
C GLN B 202 23.78 -6.63 9.25
N CYS B 203 22.48 -6.68 9.49
CA CYS B 203 21.85 -7.69 10.34
C CYS B 203 21.14 -8.72 9.48
N GLN B 204 21.46 -9.99 9.69
CA GLN B 204 20.76 -11.06 9.00
C GLN B 204 20.29 -12.17 9.96
N THR B 206 18.76 -16.22 9.47
CA THR B 206 18.31 -17.37 8.71
C THR B 206 17.55 -18.30 9.64
N THR B 207 16.43 -18.81 9.11
CA THR B 207 15.53 -19.65 9.88
C THR B 207 14.79 -20.62 8.95
N GLN B 208 14.36 -21.74 9.51
CA GLN B 208 13.48 -22.68 8.84
C GLN B 208 12.05 -22.53 9.33
N VAL B 209 11.82 -21.55 10.21
CA VAL B 209 10.50 -21.35 10.79
C VAL B 209 9.81 -20.14 10.13
N PRO B 210 8.74 -20.40 9.34
CA PRO B 210 8.05 -19.32 8.58
C PRO B 210 7.05 -18.46 9.36
N LEU B 211 7.45 -17.98 10.53
CA LEU B 211 6.70 -16.95 11.25
C LEU B 211 6.86 -15.60 10.52
N LYS B 212 6.11 -14.59 10.93
CA LYS B 212 6.39 -13.24 10.43
C LYS B 212 7.48 -12.63 11.31
N TYR B 213 8.47 -12.00 10.69
CA TYR B 213 9.54 -11.34 11.46
C TYR B 213 9.67 -9.88 11.08
N HIS B 214 9.86 -9.05 12.11
CA HIS B 214 10.09 -7.63 11.95
C HIS B 214 11.51 -7.34 12.48
N THR B 216 14.56 -4.49 13.00
CA THR B 216 15.08 -3.13 13.04
C THR B 216 16.55 -3.13 13.44
N VAL B 217 17.39 -2.50 12.62
CA VAL B 217 18.76 -2.17 12.99
C VAL B 217 18.79 -0.70 13.40
N TRP B 218 19.20 -0.45 14.65
CA TRP B 218 19.26 0.89 15.23
C TRP B 218 20.70 1.39 15.37
N SER B 219 20.91 2.68 15.13
CA SER B 219 22.21 3.31 15.44
C SER B 219 22.39 3.43 16.96
N ALA B 220 23.61 3.75 17.38
CA ALA B 220 23.94 3.92 18.81
C ALA B 220 23.00 4.91 19.50
N GLY B 221 22.87 6.12 18.96
CA GLY B 221 21.70 6.95 19.23
C GLY B 221 20.53 6.26 18.54
N ARG B 222 19.38 6.19 19.18
CA ARG B 222 18.25 5.55 18.51
C ARG B 222 17.59 6.59 17.62
N ASP B 223 18.38 7.11 16.67
CA ASP B 223 17.98 8.25 15.86
C ASP B 223 18.05 7.91 14.37
N SER B 224 18.51 6.71 14.08
CA SER B 224 18.60 6.22 12.74
C SER B 224 18.29 4.73 12.79
N ARG B 225 17.51 4.25 11.82
CA ARG B 225 17.13 2.83 11.78
C ARG B 225 16.87 2.31 10.38
N ALA B 226 17.13 1.01 10.18
CA ALA B 226 16.70 0.30 9.00
C ALA B 226 15.72 -0.82 9.40
N ILE B 227 14.59 -0.88 8.70
CA ILE B 227 13.54 -1.86 8.98
C ILE B 227 13.36 -2.82 7.81
N ALA B 228 13.48 -4.12 8.09
CA ALA B 228 13.17 -5.20 7.15
C ALA B 228 12.07 -6.13 7.70
N LEU B 229 11.09 -6.46 6.85
CA LEU B 229 10.11 -7.50 7.16
C LEU B 229 10.53 -8.80 6.51
N SER B 230 10.32 -9.92 7.20
CA SER B 230 10.52 -11.23 6.60
C SER B 230 9.73 -11.28 5.29
N ALA B 231 10.47 -11.52 4.20
CA ALA B 231 9.90 -11.72 2.90
C ALA B 231 9.92 -13.22 2.62
N ASP B 232 8.93 -13.64 1.86
CA ASP B 232 8.62 -15.03 1.62
C ASP B 232 9.00 -15.36 0.19
N TYR B 233 10.12 -16.05 0.03
CA TYR B 233 10.58 -16.45 -1.30
C TYR B 233 10.27 -17.91 -1.60
N TYR B 234 9.05 -18.32 -1.25
CA TYR B 234 8.49 -19.67 -1.51
C TYR B 234 9.27 -20.78 -0.82
N THR B 235 8.86 -21.09 0.41
CA THR B 235 9.60 -22.03 1.27
C THR B 235 11.09 -21.65 1.35
N ASP B 236 11.31 -20.36 1.65
CA ASP B 236 12.63 -19.71 1.66
C ASP B 236 12.43 -18.34 2.35
N ILE B 237 13.05 -18.17 3.51
CA ILE B 237 12.72 -17.06 4.45
C ILE B 237 13.90 -16.11 4.67
N GLU B 238 13.78 -14.91 4.13
CA GLU B 238 14.86 -13.93 4.16
C GLU B 238 14.59 -12.79 5.12
N VAL B 239 15.49 -12.61 6.09
CA VAL B 239 15.42 -11.45 6.97
C VAL B 239 16.81 -10.81 7.03
N ALA B 240 16.93 -9.67 6.36
CA ALA B 240 18.21 -8.97 6.20
C ALA B 240 17.93 -7.49 6.19
N SER B 241 18.69 -6.76 7.01
CA SER B 241 18.55 -5.32 7.07
C SER B 241 19.94 -4.66 7.09
N TYR B 242 20.05 -3.52 6.43
CA TYR B 242 21.32 -2.82 6.27
C TYR B 242 21.22 -1.36 6.75
N LEU B 243 22.03 -1.05 7.75
CA LEU B 243 22.07 0.30 8.31
C LEU B 243 23.40 1.05 8.03
N PRO B 244 23.33 2.15 7.25
CA PRO B 244 24.49 3.05 7.10
C PRO B 244 24.80 3.72 8.43
N VAL B 245 26.07 3.62 8.84
CA VAL B 245 26.46 4.07 10.16
C VAL B 245 27.77 4.87 10.06
N ASN B 246 27.92 5.91 10.89
CA ASN B 246 29.22 6.58 11.06
C ASN B 246 30.16 5.59 11.72
N ARG B 247 31.31 5.32 11.11
CA ARG B 247 32.30 4.33 11.61
C ARG B 247 32.71 4.54 13.07
N SER B 248 32.57 5.78 13.56
CA SER B 248 33.01 6.14 14.89
C SER B 248 31.93 5.86 15.92
N GLN B 249 30.72 5.55 15.44
CA GLN B 249 29.56 5.34 16.28
C GLN B 249 28.99 3.93 16.10
N ILE B 250 29.82 3.04 15.57
CA ILE B 250 29.44 1.67 15.28
C ILE B 250 29.18 0.84 16.54
N LEU B 251 29.89 1.18 17.61
CA LEU B 251 29.72 0.54 18.89
C LEU B 251 28.28 0.74 19.31
N ASN B 252 27.67 -0.35 19.77
CA ASN B 252 26.30 -0.34 20.29
C ASN B 252 25.18 -0.10 19.28
N THR B 253 25.48 -0.28 18.00
CA THR B 253 24.41 -0.45 17.02
C THR B 253 23.76 -1.77 17.39
N THR B 254 22.44 -1.76 17.49
CA THR B 254 21.74 -2.94 17.95
C THR B 254 20.76 -3.38 16.89
N CYS B 255 20.66 -4.69 16.72
CA CYS B 255 19.65 -5.24 15.83
C CYS B 255 18.54 -5.86 16.67
N GLU B 256 17.30 -5.64 16.27
CA GLU B 256 16.17 -6.12 17.05
C GLU B 256 15.16 -6.83 16.17
N ILE B 257 15.01 -8.13 16.42
CA ILE B 257 14.13 -8.99 15.66
C ILE B 257 12.94 -9.44 16.53
N THR B 258 11.73 -9.21 16.01
CA THR B 258 10.48 -9.63 16.64
C THR B 258 9.76 -10.67 15.76
N SER B 259 9.33 -11.78 16.38
CA SER B 259 8.53 -12.80 15.71
C SER B 259 7.05 -12.67 16.00
N SER B 260 6.22 -13.20 15.10
CA SER B 260 4.78 -13.30 15.36
C SER B 260 4.39 -14.25 16.51
N SER B 261 5.36 -15.00 17.02
CA SER B 261 5.13 -15.81 18.23
C SER B 261 5.45 -15.06 19.54
N GLY B 262 5.93 -13.83 19.44
CA GLY B 262 6.06 -12.99 20.64
C GLY B 262 7.44 -12.75 21.21
N TRP B 263 8.45 -13.48 20.74
CA TRP B 263 9.81 -13.25 21.21
C TRP B 263 10.55 -12.10 20.49
N THR B 264 11.61 -11.60 21.12
CA THR B 264 12.47 -10.59 20.53
C THR B 264 13.94 -11.03 20.73
N VAL B 265 14.74 -10.88 19.68
CA VAL B 265 16.18 -11.14 19.72
C VAL B 265 16.95 -9.83 19.51
N ARG B 266 17.78 -9.48 20.48
CA ARG B 266 18.68 -8.37 20.31
C ARG B 266 20.09 -8.87 20.05
N LEU B 267 20.74 -8.19 19.11
CA LEU B 267 22.13 -8.42 18.76
C LEU B 267 22.78 -7.06 18.85
N ARG B 268 23.75 -6.91 19.74
CA ARG B 268 24.44 -5.63 19.92
C ARG B 268 25.86 -5.68 19.33
N PHE B 269 26.24 -4.60 18.63
CA PHE B 269 27.60 -4.47 18.13
C PHE B 269 28.48 -4.04 19.30
N SER B 270 29.05 -5.05 19.98
CA SER B 270 29.76 -4.90 21.25
C SER B 270 31.20 -4.40 21.13
N GLU B 271 31.75 -3.99 22.28
CA GLU B 271 33.15 -3.58 22.41
C GLU B 271 34.07 -4.66 21.85
N GLU B 272 33.80 -5.90 22.25
CA GLU B 272 34.47 -7.09 21.74
C GLU B 272 34.45 -7.18 20.22
N VAL B 274 33.96 -4.70 17.98
CA VAL B 274 34.75 -3.59 17.41
C VAL B 274 36.24 -3.98 17.32
N ALA B 275 36.73 -4.66 18.37
CA ALA B 275 38.08 -5.22 18.35
C ALA B 275 38.24 -6.22 17.18
N ALA B 276 38.63 -5.67 16.03
CA ALA B 276 38.78 -6.43 14.79
C ALA B 276 39.15 -5.53 13.60
N SER B 277 40.46 -5.36 13.35
CA SER B 277 40.90 -4.70 12.13
C SER B 277 41.39 -5.70 11.06
N LYS B 278 40.70 -6.85 11.02
CA LYS B 278 40.95 -7.91 10.05
C LYS B 278 40.72 -7.46 8.61
#